data_8IXI
#
_entry.id   8IXI
#
_cell.length_a   53.447
_cell.length_b   89.027
_cell.length_c   65.997
_cell.angle_alpha   90.00
_cell.angle_beta   93.95
_cell.angle_gamma   90.00
#
_symmetry.space_group_name_H-M   'P 1 21 1'
#
loop_
_entity.id
_entity.type
_entity.pdbx_description
1 polymer "Macrolide 2'-phosphotransferase"
2 water water
#
_entity_poly.entity_id   1
_entity_poly.type   'polypeptide(L)'
_entity_poly.pdbx_seq_one_letter_code
;RGSMTIQDIQSLAEAHGLLLTDKMNFNEMGIDFKVVFALDTKGQQWLLRIPRRDGMREQIKKEKRILELVKKHLSVEVPD
WRISSTELVAYPILKDNPVLNLDAETYEIIWNMDKDSPKYITSLAKTLFEIHSIPEKEVRENDLKIMKPSDLRPEIANNL
QLVKSEIGISEQLETRYRKWLDNDVLWADFTQFIHGDLYAGHVLASKDGAVSGVIDWSTAHIDDPAIDFAGHVTLFGEES
LKTLIIEYEKLGGKVWNKLYEQTLERAAASPLMYGLFALETQNESLIVGAKAQLGVI
;
_entity_poly.pdbx_strand_id   A,B
#
# COMPACT_ATOMS: atom_id res chain seq x y z
N ARG A 1 -24.57 -0.07 14.51
CA ARG A 1 -25.27 -1.13 13.72
C ARG A 1 -26.78 -1.00 13.90
N GLY A 2 -27.25 -0.80 15.14
CA GLY A 2 -28.68 -0.77 15.50
C GLY A 2 -29.34 -2.14 15.35
N SER A 3 -28.55 -3.20 15.24
CA SER A 3 -29.02 -4.59 15.04
C SER A 3 -29.59 -5.11 16.37
N MET A 4 -29.02 -4.71 17.51
CA MET A 4 -29.57 -5.05 18.85
C MET A 4 -29.53 -3.84 19.80
N THR A 5 -30.57 -3.76 20.65
CA THR A 5 -30.74 -2.70 21.69
C THR A 5 -29.90 -3.07 22.92
N ILE A 6 -29.73 -2.11 23.85
CA ILE A 6 -29.07 -2.35 25.16
C ILE A 6 -29.88 -3.39 25.93
N GLN A 7 -31.20 -3.33 25.85
CA GLN A 7 -32.10 -4.32 26.52
C GLN A 7 -31.82 -5.71 25.96
N ASP A 8 -31.71 -5.86 24.64
CA ASP A 8 -31.40 -7.16 23.98
C ASP A 8 -30.09 -7.71 24.54
N ILE A 9 -29.11 -6.83 24.74
CA ILE A 9 -27.74 -7.19 25.22
C ILE A 9 -27.81 -7.60 26.69
N GLN A 10 -28.55 -6.85 27.51
CA GLN A 10 -28.77 -7.14 28.94
C GLN A 10 -29.40 -8.53 29.09
N SER A 11 -30.37 -8.86 28.23
CA SER A 11 -31.11 -10.16 28.24
C SER A 11 -30.15 -11.31 27.89
N LEU A 12 -29.36 -11.14 26.83
CA LEU A 12 -28.35 -12.14 26.40
C LEU A 12 -27.40 -12.43 27.57
N ALA A 13 -26.86 -11.38 28.19
CA ALA A 13 -25.84 -11.46 29.25
C ALA A 13 -26.45 -12.10 30.49
N GLU A 14 -27.65 -11.65 30.89
CA GLU A 14 -28.38 -12.20 32.07
C GLU A 14 -28.59 -13.71 31.88
N ALA A 15 -28.89 -14.15 30.67
CA ALA A 15 -29.04 -15.57 30.27
C ALA A 15 -27.73 -16.36 30.45
N HIS A 16 -26.57 -15.69 30.52
CA HIS A 16 -25.24 -16.32 30.73
C HIS A 16 -24.70 -15.98 32.13
N GLY A 17 -25.56 -15.48 33.03
CA GLY A 17 -25.20 -15.23 34.44
C GLY A 17 -24.42 -13.95 34.63
N LEU A 18 -24.59 -12.98 33.73
CA LEU A 18 -23.94 -11.64 33.82
C LEU A 18 -25.01 -10.56 33.86
N LEU A 19 -25.12 -9.82 34.96
CA LEU A 19 -26.14 -8.76 35.11
C LEU A 19 -25.51 -7.40 34.80
N LEU A 20 -25.97 -6.75 33.73
CA LEU A 20 -25.36 -5.51 33.18
C LEU A 20 -26.28 -4.32 33.41
N THR A 21 -25.67 -3.24 33.92
CA THR A 21 -26.08 -1.82 33.85
C THR A 21 -26.43 -1.45 32.41
N ASP A 22 -27.06 -0.28 32.22
CA ASP A 22 -27.44 0.25 30.88
C ASP A 22 -26.34 1.17 30.36
N LYS A 23 -25.17 1.16 30.99
CA LYS A 23 -23.98 1.97 30.56
C LYS A 23 -23.14 1.10 29.63
N MET A 24 -23.19 1.38 28.32
CA MET A 24 -22.50 0.58 27.28
C MET A 24 -21.90 1.48 26.19
N ASN A 25 -20.65 1.21 25.81
CA ASN A 25 -19.96 1.68 24.60
C ASN A 25 -19.87 0.53 23.59
N PHE A 26 -19.78 0.88 22.30
CA PHE A 26 -19.69 -0.07 21.18
C PHE A 26 -18.39 0.19 20.41
N ASN A 27 -17.79 -0.88 19.89
CA ASN A 27 -16.77 -0.84 18.82
C ASN A 27 -17.26 -1.77 17.71
N GLU A 28 -17.54 -1.22 16.52
CA GLU A 28 -18.17 -1.96 15.38
C GLU A 28 -17.15 -2.21 14.26
N MET A 29 -15.85 -2.09 14.56
CA MET A 29 -14.73 -2.23 13.58
C MET A 29 -14.46 -3.71 13.27
N GLY A 30 -14.79 -4.62 14.21
CA GLY A 30 -14.61 -6.06 14.05
C GLY A 30 -15.56 -6.63 13.01
N ILE A 31 -15.05 -7.51 12.14
CA ILE A 31 -15.83 -8.11 11.02
C ILE A 31 -16.60 -9.33 11.55
N ASP A 32 -16.09 -10.00 12.59
CA ASP A 32 -16.67 -11.27 13.12
C ASP A 32 -17.50 -11.00 14.38
N PHE A 33 -17.07 -10.06 15.22
CA PHE A 33 -17.71 -9.78 16.54
C PHE A 33 -18.08 -8.29 16.67
N LYS A 34 -19.33 -8.02 17.04
CA LYS A 34 -19.75 -6.77 17.71
C LYS A 34 -19.09 -6.74 19.09
N VAL A 35 -18.40 -5.65 19.41
CA VAL A 35 -17.70 -5.49 20.72
C VAL A 35 -18.45 -4.47 21.58
N VAL A 36 -18.68 -4.82 22.85
CA VAL A 36 -19.37 -3.94 23.84
C VAL A 36 -18.49 -3.81 25.08
N PHE A 37 -18.29 -2.58 25.55
CA PHE A 37 -17.70 -2.27 26.87
C PHE A 37 -18.87 -2.02 27.81
N ALA A 38 -19.07 -2.94 28.76
CA ALA A 38 -20.26 -2.99 29.64
C ALA A 38 -19.81 -2.85 31.10
N LEU A 39 -20.79 -2.60 31.97
CA LEU A 39 -20.65 -2.54 33.44
C LEU A 39 -21.62 -3.54 34.06
N ASP A 40 -21.14 -4.44 34.92
CA ASP A 40 -22.05 -5.31 35.72
C ASP A 40 -22.52 -4.48 36.92
N THR A 41 -23.44 -5.03 37.71
CA THR A 41 -24.15 -4.30 38.80
C THR A 41 -23.23 -4.09 40.02
N LYS A 42 -22.00 -4.66 40.02
CA LYS A 42 -20.98 -4.46 41.08
C LYS A 42 -19.89 -3.48 40.62
N GLY A 43 -20.06 -2.86 39.43
CA GLY A 43 -19.13 -1.86 38.89
C GLY A 43 -17.95 -2.47 38.17
N GLN A 44 -17.91 -3.80 38.00
CA GLN A 44 -16.84 -4.49 37.22
C GLN A 44 -17.06 -4.19 35.74
N GLN A 45 -16.01 -3.76 35.04
CA GLN A 45 -16.03 -3.48 33.59
C GLN A 45 -15.83 -4.80 32.84
N TRP A 46 -16.64 -5.03 31.81
CA TRP A 46 -16.61 -6.26 30.98
C TRP A 46 -16.41 -5.89 29.51
N LEU A 47 -15.72 -6.76 28.77
CA LEU A 47 -15.78 -6.76 27.30
C LEU A 47 -16.66 -7.92 26.83
N LEU A 48 -17.71 -7.58 26.07
CA LEU A 48 -18.59 -8.52 25.35
C LEU A 48 -18.13 -8.60 23.90
N ARG A 49 -18.00 -9.82 23.37
CA ARG A 49 -17.86 -10.10 21.91
C ARG A 49 -19.09 -10.90 21.47
N ILE A 50 -19.97 -10.29 20.67
CA ILE A 50 -21.23 -10.91 20.19
C ILE A 50 -21.04 -11.28 18.73
N PRO A 51 -21.03 -12.59 18.38
CA PRO A 51 -20.83 -13.04 17.00
C PRO A 51 -21.82 -12.38 16.02
N ARG A 52 -21.32 -11.88 14.89
CA ARG A 52 -22.15 -11.16 13.87
C ARG A 52 -23.01 -12.15 13.08
N ARG A 53 -22.54 -13.39 12.89
CA ARG A 53 -23.24 -14.44 12.10
CA ARG A 53 -23.26 -14.43 12.11
C ARG A 53 -23.19 -15.77 12.86
N ASP A 54 -23.95 -16.75 12.38
CA ASP A 54 -23.99 -18.12 12.95
C ASP A 54 -22.79 -18.87 12.37
N GLY A 55 -22.35 -19.96 13.01
CA GLY A 55 -21.33 -20.89 12.49
C GLY A 55 -19.96 -20.71 13.11
N MET A 56 -19.80 -19.94 14.20
CA MET A 56 -18.47 -19.57 14.73
C MET A 56 -18.10 -20.38 15.97
N ARG A 57 -18.88 -21.43 16.29
CA ARG A 57 -18.73 -22.25 17.52
C ARG A 57 -17.33 -22.85 17.61
N GLU A 58 -16.85 -23.44 16.51
CA GLU A 58 -15.51 -24.10 16.47
C GLU A 58 -14.43 -23.05 16.76
N GLN A 59 -14.53 -21.88 16.13
CA GLN A 59 -13.59 -20.72 16.30
C GLN A 59 -13.53 -20.28 17.77
N ILE A 60 -14.69 -20.22 18.43
CA ILE A 60 -14.83 -19.67 19.81
C ILE A 60 -14.27 -20.68 20.81
N LYS A 61 -14.59 -21.97 20.63
CA LYS A 61 -14.09 -23.05 21.53
C LYS A 61 -12.56 -23.17 21.40
N LYS A 62 -12.02 -22.97 20.20
CA LYS A 62 -10.55 -23.07 19.96
C LYS A 62 -9.87 -21.93 20.73
N GLU A 63 -10.35 -20.70 20.56
CA GLU A 63 -9.77 -19.53 21.28
C GLU A 63 -9.86 -19.78 22.79
N LYS A 64 -10.95 -20.36 23.27
CA LYS A 64 -11.15 -20.69 24.71
C LYS A 64 -9.99 -21.57 25.18
N ARG A 65 -9.76 -22.67 24.47
CA ARG A 65 -8.67 -23.63 24.73
C ARG A 65 -7.32 -22.90 24.74
N ILE A 66 -7.06 -22.08 23.73
CA ILE A 66 -5.79 -21.32 23.58
C ILE A 66 -5.59 -20.47 24.83
N LEU A 67 -6.60 -19.70 25.26
CA LEU A 67 -6.50 -18.80 26.45
C LEU A 67 -6.22 -19.63 27.71
N GLU A 68 -6.87 -20.78 27.88
CA GLU A 68 -6.63 -21.68 29.04
C GLU A 68 -5.17 -22.11 29.06
N LEU A 69 -4.61 -22.45 27.89
CA LEU A 69 -3.21 -22.93 27.76
C LEU A 69 -2.22 -21.79 28.05
N VAL A 70 -2.36 -20.61 27.44
CA VAL A 70 -1.33 -19.54 27.51
C VAL A 70 -1.32 -18.90 28.90
N LYS A 71 -2.48 -18.90 29.56
CA LYS A 71 -2.70 -18.43 30.96
C LYS A 71 -1.68 -19.09 31.91
N LYS A 72 -1.33 -20.36 31.65
CA LYS A 72 -0.39 -21.17 32.47
C LYS A 72 1.06 -20.78 32.24
N HIS A 73 1.37 -20.02 31.19
CA HIS A 73 2.76 -19.81 30.71
C HIS A 73 3.17 -18.33 30.66
N LEU A 74 2.26 -17.37 30.63
CA LEU A 74 2.65 -15.95 30.45
C LEU A 74 2.61 -15.22 31.80
N SER A 75 3.53 -14.27 31.99
CA SER A 75 3.60 -13.30 33.10
C SER A 75 2.55 -12.21 32.93
N VAL A 76 2.13 -11.92 31.69
CA VAL A 76 1.20 -10.80 31.39
C VAL A 76 -0.24 -11.32 31.39
N GLU A 77 -1.20 -10.42 31.58
CA GLU A 77 -2.64 -10.75 31.57
C GLU A 77 -3.02 -11.19 30.16
N VAL A 78 -3.97 -12.13 30.04
CA VAL A 78 -4.70 -12.39 28.79
C VAL A 78 -6.19 -12.43 29.14
N PRO A 79 -7.11 -12.27 28.17
CA PRO A 79 -8.53 -12.33 28.48
C PRO A 79 -8.91 -13.60 29.25
N ASP A 80 -9.64 -13.40 30.34
CA ASP A 80 -10.22 -14.47 31.19
C ASP A 80 -11.67 -14.68 30.74
N TRP A 81 -11.88 -15.59 29.80
CA TRP A 81 -13.22 -15.86 29.19
C TRP A 81 -14.10 -16.57 30.22
N ARG A 82 -14.84 -15.83 31.02
CA ARG A 82 -15.74 -16.42 32.04
C ARG A 82 -17.05 -16.85 31.36
N ILE A 83 -17.37 -16.27 30.20
CA ILE A 83 -18.52 -16.70 29.35
C ILE A 83 -17.99 -16.96 27.93
N SER A 84 -18.41 -18.06 27.32
CA SER A 84 -17.93 -18.56 25.99
C SER A 84 -18.94 -19.55 25.42
N SER A 85 -20.04 -19.06 24.83
CA SER A 85 -21.03 -19.83 24.04
C SER A 85 -20.99 -19.31 22.60
N THR A 86 -21.85 -19.84 21.72
CA THR A 86 -22.01 -19.36 20.32
C THR A 86 -22.77 -18.03 20.30
N GLU A 87 -23.41 -17.65 21.42
CA GLU A 87 -24.27 -16.43 21.52
C GLU A 87 -23.46 -15.26 22.07
N LEU A 88 -22.48 -15.55 22.94
CA LEU A 88 -21.79 -14.50 23.73
C LEU A 88 -20.43 -14.98 24.23
N VAL A 89 -19.42 -14.13 24.06
CA VAL A 89 -18.12 -14.23 24.76
C VAL A 89 -17.97 -12.97 25.64
N ALA A 90 -17.50 -13.13 26.87
CA ALA A 90 -17.38 -12.03 27.86
C ALA A 90 -16.19 -12.27 28.77
N TYR A 91 -15.41 -11.21 29.01
CA TYR A 91 -14.26 -11.25 29.95
C TYR A 91 -14.15 -9.91 30.64
N PRO A 92 -13.71 -9.89 31.92
CA PRO A 92 -13.47 -8.63 32.62
C PRO A 92 -12.35 -7.85 31.91
N ILE A 93 -12.51 -6.53 31.84
CA ILE A 93 -11.56 -5.60 31.16
C ILE A 93 -10.18 -5.77 31.83
N LEU A 94 -9.12 -5.73 31.04
CA LEU A 94 -7.72 -5.90 31.53
C LEU A 94 -7.17 -4.54 31.96
N LYS A 95 -5.99 -4.51 32.55
CA LYS A 95 -5.45 -3.36 33.31
C LYS A 95 -5.18 -2.18 32.35
N ASP A 96 -4.57 -2.42 31.19
CA ASP A 96 -4.00 -1.33 30.36
C ASP A 96 -4.70 -1.26 28.99
N ASN A 97 -4.61 -0.10 28.35
CA ASN A 97 -5.09 0.19 26.98
C ASN A 97 -4.12 -0.43 25.97
N PRO A 98 -4.59 -0.78 24.76
CA PRO A 98 -3.70 -1.18 23.67
C PRO A 98 -2.61 -0.11 23.45
N VAL A 99 -1.50 -0.49 22.82
CA VAL A 99 -0.35 0.42 22.51
C VAL A 99 -0.82 1.49 21.52
N LEU A 100 -1.67 1.12 20.56
CA LEU A 100 -2.34 2.06 19.63
C LEU A 100 -3.81 1.65 19.50
N ASN A 101 -4.63 2.58 19.03
CA ASN A 101 -6.01 2.36 18.54
C ASN A 101 -6.13 2.95 17.13
N LEU A 102 -7.22 2.60 16.45
CA LEU A 102 -7.57 3.10 15.11
C LEU A 102 -8.77 4.05 15.24
N ASP A 103 -8.66 5.22 14.61
CA ASP A 103 -9.77 6.18 14.36
C ASP A 103 -10.94 5.40 13.76
N ALA A 104 -12.13 5.56 14.35
CA ALA A 104 -13.40 4.88 13.95
C ALA A 104 -13.67 5.07 12.45
N GLU A 105 -13.60 6.31 11.96
CA GLU A 105 -13.87 6.70 10.55
C GLU A 105 -12.74 6.21 9.62
N THR A 106 -11.52 6.72 9.81
CA THR A 106 -10.40 6.69 8.82
C THR A 106 -9.42 5.52 9.02
N TYR A 107 -9.40 4.86 10.19
CA TYR A 107 -8.43 3.79 10.55
C TYR A 107 -7.01 4.37 10.60
N GLU A 108 -6.90 5.65 10.94
CA GLU A 108 -5.60 6.32 11.25
C GLU A 108 -5.08 5.75 12.58
N ILE A 109 -3.77 5.61 12.68
CA ILE A 109 -3.08 5.09 13.89
C ILE A 109 -3.09 6.20 14.95
N ILE A 110 -3.63 5.90 16.13
CA ILE A 110 -3.60 6.78 17.32
C ILE A 110 -2.73 6.08 18.36
N TRP A 111 -1.52 6.59 18.58
CA TRP A 111 -0.55 6.06 19.57
C TRP A 111 -1.00 6.46 20.99
N ASN A 112 -1.18 5.48 21.87
CA ASN A 112 -1.48 5.67 23.32
C ASN A 112 -0.17 5.68 24.11
N MET A 113 0.92 5.23 23.48
CA MET A 113 2.27 5.03 24.07
C MET A 113 3.26 5.84 23.22
N ASP A 114 4.38 6.28 23.79
CA ASP A 114 5.52 6.82 23.00
C ASP A 114 6.20 5.64 22.29
N LYS A 115 6.10 5.57 20.97
CA LYS A 115 6.57 4.40 20.18
C LYS A 115 8.06 4.15 20.46
N ASP A 116 8.84 5.21 20.69
CA ASP A 116 10.32 5.13 20.84
C ASP A 116 10.71 4.56 22.21
N SER A 117 9.75 4.31 23.11
CA SER A 117 9.98 3.76 24.46
C SER A 117 10.81 2.47 24.40
N PRO A 118 12.02 2.42 25.00
CA PRO A 118 12.78 1.16 25.07
C PRO A 118 12.25 0.16 26.11
N LYS A 119 11.34 0.57 26.99
CA LYS A 119 10.66 -0.35 27.96
C LYS A 119 9.70 -1.26 27.18
N TYR A 120 9.12 -0.77 26.08
CA TYR A 120 8.29 -1.58 25.14
C TYR A 120 9.15 -2.72 24.59
N ILE A 121 10.40 -2.43 24.21
CA ILE A 121 11.29 -3.42 23.51
C ILE A 121 11.66 -4.52 24.51
N THR A 122 12.04 -4.14 25.73
CA THR A 122 12.52 -5.09 26.78
C THR A 122 11.34 -5.94 27.28
N SER A 123 10.17 -5.34 27.51
CA SER A 123 8.97 -6.08 28.00
C SER A 123 8.36 -6.91 26.87
N LEU A 124 8.30 -6.41 25.63
CA LEU A 124 7.75 -7.21 24.50
C LEU A 124 8.60 -8.48 24.30
N ALA A 125 9.92 -8.35 24.42
CA ALA A 125 10.90 -9.43 24.19
C ALA A 125 10.68 -10.55 25.21
N LYS A 126 10.37 -10.18 26.45
CA LYS A 126 10.10 -11.12 27.57
C LYS A 126 8.82 -11.91 27.24
N THR A 127 7.77 -11.22 26.81
CA THR A 127 6.47 -11.84 26.43
C THR A 127 6.69 -12.78 25.24
N LEU A 128 7.39 -12.34 24.20
CA LEU A 128 7.72 -13.16 23.00
C LEU A 128 8.40 -14.46 23.46
N PHE A 129 9.34 -14.34 24.41
CA PHE A 129 10.13 -15.48 24.94
C PHE A 129 9.19 -16.49 25.61
N GLU A 130 8.27 -16.03 26.46
CA GLU A 130 7.33 -16.89 27.23
C GLU A 130 6.34 -17.60 26.27
N ILE A 131 5.79 -16.87 25.28
CA ILE A 131 4.84 -17.45 24.28
C ILE A 131 5.57 -18.55 23.51
N HIS A 132 6.79 -18.28 23.06
CA HIS A 132 7.54 -19.18 22.14
C HIS A 132 8.07 -20.38 22.92
N SER A 133 8.05 -20.32 24.26
CA SER A 133 8.54 -21.39 25.18
C SER A 133 7.45 -22.44 25.40
N ILE A 134 6.21 -22.16 25.03
CA ILE A 134 5.06 -23.06 25.35
C ILE A 134 5.29 -24.40 24.67
N PRO A 135 5.35 -25.51 25.45
CA PRO A 135 5.75 -26.81 24.93
C PRO A 135 4.78 -27.40 23.90
N GLU A 136 5.34 -28.02 22.86
CA GLU A 136 4.60 -28.68 21.74
C GLU A 136 3.60 -29.70 22.29
N LYS A 137 4.00 -30.54 23.25
CA LYS A 137 3.12 -31.57 23.87
C LYS A 137 1.78 -30.94 24.26
N GLU A 138 1.83 -29.82 24.99
CA GLU A 138 0.62 -29.11 25.49
C GLU A 138 -0.19 -28.62 24.30
N VAL A 139 0.48 -28.11 23.26
CA VAL A 139 -0.20 -27.58 22.04
C VAL A 139 -0.97 -28.72 21.35
N ARG A 140 -0.33 -29.88 21.18
CA ARG A 140 -0.93 -31.11 20.58
C ARG A 140 -2.16 -31.54 21.42
N GLU A 141 -2.05 -31.49 22.75
CA GLU A 141 -3.14 -31.88 23.69
C GLU A 141 -4.39 -31.02 23.45
N ASN A 142 -4.22 -29.80 22.93
CA ASN A 142 -5.34 -28.83 22.76
C ASN A 142 -5.83 -28.81 21.31
N ASP A 143 -5.48 -29.81 20.49
CA ASP A 143 -5.96 -29.93 19.08
C ASP A 143 -5.80 -28.57 18.38
N LEU A 144 -4.59 -28.02 18.39
CA LEU A 144 -4.25 -26.74 17.69
C LEU A 144 -3.41 -27.08 16.46
N LYS A 145 -3.45 -26.20 15.45
CA LYS A 145 -2.66 -26.35 14.20
C LYS A 145 -1.17 -26.39 14.57
N ILE A 146 -0.44 -27.34 13.99
CA ILE A 146 1.03 -27.45 14.15
C ILE A 146 1.60 -27.50 12.74
N MET A 147 2.30 -26.43 12.36
CA MET A 147 3.05 -26.38 11.09
C MET A 147 4.50 -26.75 11.41
N LYS A 148 5.04 -27.72 10.68
CA LYS A 148 6.46 -28.13 10.78
C LYS A 148 7.25 -27.23 9.83
N PRO A 149 8.57 -27.12 10.03
CA PRO A 149 9.44 -26.41 9.10
C PRO A 149 9.18 -26.72 7.62
N SER A 150 8.98 -27.99 7.26
CA SER A 150 8.84 -28.49 5.86
C SER A 150 7.45 -28.16 5.30
N ASP A 151 6.50 -27.72 6.13
CA ASP A 151 5.13 -27.39 5.69
C ASP A 151 5.06 -25.95 5.17
N LEU A 152 6.02 -25.10 5.53
CA LEU A 152 5.84 -23.62 5.45
C LEU A 152 5.83 -23.18 3.98
N ARG A 153 6.85 -23.57 3.22
CA ARG A 153 7.06 -23.09 1.83
C ARG A 153 5.97 -23.63 0.91
N PRO A 154 5.62 -24.94 0.94
CA PRO A 154 4.48 -25.43 0.18
C PRO A 154 3.22 -24.57 0.40
N GLU A 155 2.86 -24.33 1.67
CA GLU A 155 1.64 -23.57 2.07
C GLU A 155 1.69 -22.18 1.41
N ILE A 156 2.78 -21.45 1.57
CA ILE A 156 2.87 -20.05 1.05
C ILE A 156 2.88 -20.07 -0.49
N ALA A 157 3.50 -21.07 -1.12
CA ALA A 157 3.44 -21.27 -2.59
C ALA A 157 1.98 -21.35 -3.02
N ASN A 158 1.20 -22.19 -2.35
CA ASN A 158 -0.24 -22.37 -2.64
C ASN A 158 -0.99 -21.06 -2.39
N ASN A 159 -0.64 -20.29 -1.35
CA ASN A 159 -1.30 -19.00 -1.03
C ASN A 159 -1.05 -18.02 -2.19
N LEU A 160 0.21 -17.92 -2.63
CA LEU A 160 0.64 -17.02 -3.73
C LEU A 160 -0.17 -17.32 -4.99
N GLN A 161 -0.21 -18.59 -5.40
CA GLN A 161 -0.81 -18.99 -6.69
C GLN A 161 -2.32 -18.73 -6.61
N LEU A 162 -2.93 -18.99 -5.45
CA LEU A 162 -4.38 -18.77 -5.21
C LEU A 162 -4.69 -17.26 -5.28
N VAL A 163 -3.92 -16.43 -4.58
CA VAL A 163 -4.16 -14.97 -4.49
C VAL A 163 -3.92 -14.35 -5.88
N LYS A 164 -2.88 -14.78 -6.59
CA LYS A 164 -2.58 -14.29 -7.97
C LYS A 164 -3.77 -14.56 -8.89
N SER A 165 -4.37 -15.75 -8.76
CA SER A 165 -5.48 -16.24 -9.60
C SER A 165 -6.74 -15.41 -9.33
N GLU A 166 -7.12 -15.26 -8.06
CA GLU A 166 -8.45 -14.77 -7.62
C GLU A 166 -8.46 -13.24 -7.42
N ILE A 167 -7.38 -12.66 -6.90
CA ILE A 167 -7.33 -11.20 -6.56
C ILE A 167 -6.39 -10.45 -7.52
N GLY A 168 -5.29 -11.09 -7.94
CA GLY A 168 -4.21 -10.45 -8.72
C GLY A 168 -3.11 -9.91 -7.81
N ILE A 169 -1.91 -9.70 -8.38
CA ILE A 169 -0.72 -9.21 -7.65
C ILE A 169 0.27 -8.60 -8.66
N SER A 170 0.86 -7.47 -8.30
CA SER A 170 1.89 -6.76 -9.10
C SER A 170 3.07 -7.69 -9.37
N GLU A 171 3.76 -7.44 -10.48
CA GLU A 171 4.96 -8.20 -10.90
C GLU A 171 6.02 -8.04 -9.81
N GLN A 172 6.16 -6.84 -9.23
CA GLN A 172 7.23 -6.55 -8.24
C GLN A 172 6.97 -7.34 -6.95
N LEU A 173 5.73 -7.36 -6.47
CA LEU A 173 5.37 -8.10 -5.22
C LEU A 173 5.49 -9.60 -5.46
N GLU A 174 5.05 -10.09 -6.62
CA GLU A 174 5.06 -11.55 -6.93
C GLU A 174 6.52 -12.06 -6.98
N THR A 175 7.43 -11.32 -7.61
CA THR A 175 8.85 -11.76 -7.75
C THR A 175 9.54 -11.69 -6.38
N ARG A 176 9.21 -10.72 -5.53
CA ARG A 176 9.76 -10.65 -4.15
C ARG A 176 9.36 -11.91 -3.38
N TYR A 177 8.11 -12.35 -3.51
CA TYR A 177 7.57 -13.54 -2.79
C TYR A 177 8.21 -14.81 -3.35
N ARG A 178 8.41 -14.89 -4.68
CA ARG A 178 9.07 -16.05 -5.34
C ARG A 178 10.53 -16.16 -4.90
N LYS A 179 11.26 -15.04 -4.87
CA LYS A 179 12.67 -14.98 -4.39
C LYS A 179 12.73 -15.42 -2.92
N TRP A 180 11.83 -14.90 -2.08
CA TRP A 180 11.67 -15.29 -0.66
C TRP A 180 11.51 -16.81 -0.57
N LEU A 181 10.61 -17.40 -1.35
CA LEU A 181 10.30 -18.86 -1.30
C LEU A 181 11.52 -19.71 -1.69
N ASP A 182 12.40 -19.20 -2.57
CA ASP A 182 13.57 -19.94 -3.11
C ASP A 182 14.81 -19.68 -2.24
N ASN A 183 14.73 -18.72 -1.31
CA ASN A 183 15.86 -18.32 -0.44
C ASN A 183 15.86 -19.21 0.81
N ASP A 184 16.27 -20.47 0.65
CA ASP A 184 16.27 -21.54 1.68
C ASP A 184 16.82 -21.06 3.02
N VAL A 185 17.96 -20.37 3.03
CA VAL A 185 18.73 -20.10 4.27
C VAL A 185 17.95 -19.16 5.20
N LEU A 186 16.91 -18.46 4.71
CA LEU A 186 16.02 -17.56 5.53
C LEU A 186 15.10 -18.39 6.44
N TRP A 187 14.73 -19.59 6.01
CA TRP A 187 13.67 -20.41 6.67
C TRP A 187 14.30 -21.24 7.80
N ALA A 188 13.91 -20.96 9.05
CA ALA A 188 14.35 -21.70 10.26
C ALA A 188 13.95 -23.16 10.11
N ASP A 189 14.72 -24.06 10.74
CA ASP A 189 14.52 -25.53 10.70
C ASP A 189 13.76 -25.99 11.95
N PHE A 190 13.08 -25.07 12.64
CA PHE A 190 12.20 -25.32 13.81
C PHE A 190 11.02 -24.35 13.76
N THR A 191 9.87 -24.79 14.29
CA THR A 191 8.68 -23.96 14.54
C THR A 191 8.37 -23.98 16.04
N GLN A 192 7.67 -22.96 16.49
CA GLN A 192 7.36 -22.71 17.92
C GLN A 192 5.94 -22.18 18.03
N PHE A 193 5.37 -22.29 19.22
CA PHE A 193 4.04 -21.70 19.53
C PHE A 193 4.14 -20.19 19.37
N ILE A 194 3.27 -19.62 18.54
CA ILE A 194 3.20 -18.16 18.24
C ILE A 194 1.77 -17.66 18.49
N HIS A 195 1.66 -16.38 18.84
CA HIS A 195 0.38 -15.63 18.92
C HIS A 195 -0.31 -15.70 17.55
N GLY A 196 0.44 -15.39 16.48
CA GLY A 196 0.01 -15.50 15.08
C GLY A 196 -0.48 -14.18 14.49
N ASP A 197 -0.72 -13.16 15.32
CA ASP A 197 -1.16 -11.81 14.87
C ASP A 197 -0.69 -10.77 15.89
N LEU A 198 0.59 -10.81 16.24
CA LEU A 198 1.15 -9.99 17.33
C LEU A 198 1.72 -8.70 16.74
N TYR A 199 1.00 -7.61 16.98
CA TYR A 199 1.37 -6.23 16.65
C TYR A 199 0.78 -5.35 17.75
N ALA A 200 1.19 -4.07 17.78
CA ALA A 200 0.91 -3.10 18.87
C ALA A 200 -0.60 -3.03 19.17
N GLY A 201 -1.46 -3.30 18.18
CA GLY A 201 -2.93 -3.23 18.35
C GLY A 201 -3.43 -4.27 19.33
N HIS A 202 -2.67 -5.34 19.55
CA HIS A 202 -3.08 -6.50 20.37
C HIS A 202 -2.22 -6.57 21.64
N VAL A 203 -1.34 -5.60 21.85
CA VAL A 203 -0.45 -5.55 23.05
C VAL A 203 -0.94 -4.45 24.00
N LEU A 204 -1.18 -4.79 25.26
CA LEU A 204 -1.62 -3.81 26.30
C LEU A 204 -0.38 -3.35 27.07
N ALA A 205 -0.20 -2.04 27.24
CA ALA A 205 0.98 -1.46 27.92
C ALA A 205 0.59 -0.16 28.63
N SER A 206 1.30 0.15 29.71
CA SER A 206 1.24 1.48 30.38
C SER A 206 1.84 2.52 29.42
N LYS A 207 1.63 3.82 29.71
CA LYS A 207 2.07 4.94 28.83
C LYS A 207 3.59 4.90 28.66
N ASP A 208 4.32 4.45 29.69
CA ASP A 208 5.80 4.36 29.72
C ASP A 208 6.30 3.20 28.83
N GLY A 209 5.42 2.29 28.41
CA GLY A 209 5.74 1.22 27.44
C GLY A 209 5.88 -0.16 28.07
N ALA A 210 5.53 -0.31 29.35
CA ALA A 210 5.63 -1.61 30.07
C ALA A 210 4.44 -2.46 29.65
N VAL A 211 4.74 -3.54 28.89
CA VAL A 211 3.72 -4.49 28.37
C VAL A 211 3.15 -5.24 29.58
N SER A 212 1.83 -5.22 29.73
CA SER A 212 1.09 -5.83 30.87
C SER A 212 0.08 -6.86 30.37
N GLY A 213 -0.23 -6.89 29.07
CA GLY A 213 -1.26 -7.81 28.55
C GLY A 213 -1.14 -8.03 27.06
N VAL A 214 -1.74 -9.12 26.58
CA VAL A 214 -1.87 -9.44 25.13
C VAL A 214 -3.28 -10.00 24.88
N ILE A 215 -3.97 -9.47 23.87
CA ILE A 215 -5.38 -9.83 23.52
C ILE A 215 -5.42 -10.48 22.13
N ASP A 216 -6.59 -10.98 21.73
CA ASP A 216 -6.92 -11.46 20.36
C ASP A 216 -6.05 -12.67 20.01
N TRP A 217 -6.34 -13.82 20.61
CA TRP A 217 -5.51 -15.06 20.58
C TRP A 217 -6.04 -16.10 19.58
N SER A 218 -7.00 -15.76 18.71
CA SER A 218 -7.75 -16.71 17.82
C SER A 218 -6.82 -17.40 16.83
N THR A 219 -5.65 -16.83 16.55
CA THR A 219 -4.72 -17.22 15.46
C THR A 219 -3.55 -18.03 16.02
N ALA A 220 -3.52 -18.31 17.33
CA ALA A 220 -2.33 -18.91 18.01
C ALA A 220 -2.18 -20.38 17.59
N HIS A 221 -0.96 -20.77 17.21
CA HIS A 221 -0.60 -22.12 16.71
C HIS A 221 0.92 -22.22 16.61
N ILE A 222 1.45 -23.39 16.24
CA ILE A 222 2.91 -23.61 16.09
C ILE A 222 3.27 -23.35 14.62
N ASP A 223 4.23 -22.45 14.42
CA ASP A 223 4.58 -21.90 13.10
C ASP A 223 5.90 -21.12 13.19
N ASP A 224 6.26 -20.48 12.08
CA ASP A 224 7.46 -19.63 11.94
C ASP A 224 7.44 -18.57 13.03
N PRO A 225 8.42 -18.58 13.95
CA PRO A 225 8.54 -17.54 14.99
C PRO A 225 8.58 -16.12 14.41
N ALA A 226 9.08 -15.95 13.17
CA ALA A 226 9.24 -14.65 12.48
C ALA A 226 7.88 -13.96 12.32
N ILE A 227 6.79 -14.74 12.28
CA ILE A 227 5.39 -14.19 12.16
C ILE A 227 5.11 -13.25 13.35
N ASP A 228 5.65 -13.57 14.53
CA ASP A 228 5.41 -12.78 15.78
C ASP A 228 6.31 -11.54 15.83
N PHE A 229 7.30 -11.43 14.95
CA PHE A 229 8.19 -10.23 14.84
C PHE A 229 7.71 -9.29 13.71
N ALA A 230 7.03 -9.83 12.69
CA ALA A 230 6.67 -9.12 11.44
C ALA A 230 5.92 -7.81 11.74
N GLY A 231 4.96 -7.83 12.65
CA GLY A 231 4.09 -6.69 12.94
C GLY A 231 4.83 -5.53 13.62
N HIS A 232 6.00 -5.81 14.21
CA HIS A 232 6.87 -4.80 14.86
C HIS A 232 7.55 -3.91 13.80
N VAL A 233 7.88 -4.46 12.63
CA VAL A 233 8.88 -3.81 11.71
C VAL A 233 8.22 -2.65 10.96
N THR A 234 6.97 -2.88 10.52
CA THR A 234 6.04 -1.93 9.89
C THR A 234 5.97 -0.62 10.72
N LEU A 235 5.60 -0.74 11.99
CA LEU A 235 5.20 0.40 12.87
C LEU A 235 6.40 1.02 13.58
N PHE A 236 7.44 0.24 13.87
CA PHE A 236 8.58 0.64 14.74
C PHE A 236 9.88 0.77 13.93
N GLY A 237 9.96 0.19 12.74
CA GLY A 237 11.15 0.29 11.86
C GLY A 237 12.16 -0.81 12.12
N GLU A 238 13.19 -0.89 11.28
CA GLU A 238 14.19 -1.97 11.24
C GLU A 238 15.20 -1.85 12.38
N GLU A 239 15.62 -0.65 12.77
CA GLU A 239 16.56 -0.48 13.91
C GLU A 239 15.91 -1.05 15.16
N SER A 240 14.63 -0.75 15.38
CA SER A 240 13.85 -1.21 16.55
C SER A 240 13.74 -2.74 16.52
N LEU A 241 13.45 -3.32 15.34
CA LEU A 241 13.44 -4.79 15.14
C LEU A 241 14.79 -5.38 15.59
N LYS A 242 15.91 -4.80 15.15
CA LYS A 242 17.26 -5.30 15.52
C LYS A 242 17.39 -5.32 17.06
N THR A 243 17.04 -4.23 17.73
CA THR A 243 17.11 -4.08 19.22
C THR A 243 16.25 -5.18 19.87
N LEU A 244 15.09 -5.49 19.28
CA LEU A 244 14.11 -6.47 19.82
C LEU A 244 14.69 -7.88 19.72
N ILE A 245 15.23 -8.25 18.56
CA ILE A 245 15.85 -9.59 18.31
C ILE A 245 16.97 -9.82 19.33
N ILE A 246 17.82 -8.82 19.53
CA ILE A 246 18.96 -8.82 20.50
C ILE A 246 18.43 -9.04 21.91
N GLU A 247 17.43 -8.25 22.31
CA GLU A 247 16.81 -8.34 23.67
C GLU A 247 16.18 -9.73 23.84
N TYR A 248 15.51 -10.23 22.80
CA TYR A 248 14.87 -11.56 22.79
C TYR A 248 15.94 -12.63 22.99
N GLU A 249 17.05 -12.51 22.28
CA GLU A 249 18.16 -13.49 22.32
C GLU A 249 18.77 -13.50 23.73
N LYS A 250 18.99 -12.33 24.32
CA LYS A 250 19.58 -12.18 25.68
C LYS A 250 18.80 -13.03 26.66
N LEU A 251 17.46 -13.10 26.51
CA LEU A 251 16.57 -13.87 27.43
C LEU A 251 16.71 -15.37 27.19
N GLY A 252 17.37 -15.79 26.10
CA GLY A 252 17.47 -17.19 25.69
C GLY A 252 16.41 -17.54 24.64
N GLY A 253 15.88 -16.53 23.96
CA GLY A 253 15.04 -16.73 22.77
C GLY A 253 15.81 -17.47 21.69
N LYS A 254 15.22 -18.53 21.13
CA LYS A 254 15.85 -19.33 20.04
C LYS A 254 15.77 -18.50 18.76
N VAL A 255 16.92 -18.06 18.26
CA VAL A 255 17.05 -17.29 16.99
C VAL A 255 17.85 -18.13 15.99
N TRP A 256 17.96 -17.62 14.77
CA TRP A 256 18.96 -18.03 13.75
C TRP A 256 19.44 -16.76 13.06
N ASN A 257 20.51 -16.84 12.27
CA ASN A 257 21.21 -15.64 11.75
C ASN A 257 20.28 -14.85 10.81
N LYS A 258 19.27 -15.50 10.21
CA LYS A 258 18.38 -14.90 9.17
C LYS A 258 16.98 -14.57 9.73
N LEU A 259 16.78 -14.60 11.05
CA LEU A 259 15.50 -14.21 11.70
C LEU A 259 15.16 -12.80 11.22
N TYR A 260 16.12 -11.88 11.24
CA TYR A 260 15.97 -10.48 10.76
C TYR A 260 15.38 -10.51 9.34
N GLU A 261 16.06 -11.21 8.42
CA GLU A 261 15.72 -11.30 6.98
C GLU A 261 14.29 -11.86 6.83
N GLN A 262 14.03 -13.00 7.48
CA GLN A 262 12.72 -13.70 7.46
C GLN A 262 11.61 -12.75 7.93
N THR A 263 11.83 -12.03 9.03
CA THR A 263 10.86 -11.06 9.57
C THR A 263 10.51 -10.03 8.48
N LEU A 264 11.50 -9.44 7.79
CA LEU A 264 11.24 -8.41 6.74
C LEU A 264 10.42 -9.00 5.60
N GLU A 265 10.72 -10.24 5.19
CA GLU A 265 9.95 -10.92 4.12
C GLU A 265 8.51 -11.15 4.62
N ARG A 266 8.35 -11.67 5.83
CA ARG A 266 7.03 -11.88 6.47
C ARG A 266 6.23 -10.58 6.46
N ALA A 267 6.82 -9.46 6.88
CA ALA A 267 6.16 -8.13 6.92
C ALA A 267 5.78 -7.75 5.49
N ALA A 268 6.70 -7.88 4.53
CA ALA A 268 6.47 -7.54 3.11
C ALA A 268 5.36 -8.43 2.54
N ALA A 269 5.01 -9.52 3.21
CA ALA A 269 4.01 -10.53 2.77
C ALA A 269 2.62 -10.27 3.39
N SER A 270 2.43 -9.22 4.22
CA SER A 270 1.12 -8.84 4.81
C SER A 270 0.05 -8.78 3.71
N PRO A 271 0.29 -8.08 2.58
CA PRO A 271 -0.70 -8.00 1.51
C PRO A 271 -1.16 -9.37 1.00
N LEU A 272 -0.26 -10.35 0.96
CA LEU A 272 -0.59 -11.74 0.52
C LEU A 272 -1.50 -12.40 1.56
N MET A 273 -1.17 -12.27 2.85
CA MET A 273 -1.92 -12.89 3.96
C MET A 273 -3.30 -12.25 4.06
N TYR A 274 -3.41 -10.96 3.76
CA TYR A 274 -4.69 -10.20 3.71
C TYR A 274 -5.48 -10.65 2.47
N GLY A 275 -4.82 -10.82 1.33
CA GLY A 275 -5.35 -11.50 0.14
C GLY A 275 -6.08 -12.78 0.51
N LEU A 276 -5.41 -13.68 1.24
CA LEU A 276 -5.99 -14.97 1.72
C LEU A 276 -7.26 -14.73 2.54
N PHE A 277 -7.15 -13.93 3.61
CA PHE A 277 -8.26 -13.56 4.52
C PHE A 277 -9.46 -13.06 3.69
N ALA A 278 -9.25 -11.97 2.95
CA ALA A 278 -10.27 -11.27 2.12
C ALA A 278 -10.92 -12.25 1.13
N LEU A 279 -10.19 -13.29 0.75
CA LEU A 279 -10.60 -14.27 -0.29
C LEU A 279 -11.53 -15.32 0.36
N GLU A 280 -11.20 -15.79 1.55
CA GLU A 280 -12.03 -16.78 2.30
C GLU A 280 -13.39 -16.13 2.61
N THR A 281 -13.38 -14.95 3.25
CA THR A 281 -14.60 -14.21 3.66
C THR A 281 -15.57 -14.01 2.49
N GLN A 282 -15.06 -13.62 1.31
CA GLN A 282 -15.83 -13.39 0.06
C GLN A 282 -16.48 -11.99 0.07
N ASN A 283 -16.22 -11.20 1.12
CA ASN A 283 -16.65 -9.78 1.19
C ASN A 283 -15.96 -9.00 0.07
N GLU A 284 -16.74 -8.38 -0.82
CA GLU A 284 -16.25 -7.62 -2.00
C GLU A 284 -15.47 -6.39 -1.53
N SER A 285 -15.93 -5.72 -0.47
CA SER A 285 -15.27 -4.52 0.13
C SER A 285 -13.83 -4.88 0.53
N LEU A 286 -13.63 -6.08 1.09
CA LEU A 286 -12.32 -6.56 1.58
C LEU A 286 -11.42 -6.93 0.39
N ILE A 287 -11.97 -7.59 -0.65
CA ILE A 287 -11.23 -7.99 -1.88
C ILE A 287 -10.61 -6.75 -2.54
N VAL A 288 -11.35 -5.64 -2.57
CA VAL A 288 -10.92 -4.36 -3.21
C VAL A 288 -9.76 -3.77 -2.41
N GLY A 289 -9.86 -3.78 -1.07
CA GLY A 289 -8.76 -3.37 -0.17
C GLY A 289 -7.50 -4.21 -0.39
N ALA A 290 -7.66 -5.51 -0.68
CA ALA A 290 -6.57 -6.47 -0.93
C ALA A 290 -5.83 -6.09 -2.21
N LYS A 291 -6.56 -5.99 -3.32
CA LYS A 291 -6.06 -5.53 -4.65
C LYS A 291 -5.11 -4.34 -4.48
N ALA A 292 -5.50 -3.36 -3.67
CA ALA A 292 -4.76 -2.09 -3.42
C ALA A 292 -3.41 -2.39 -2.80
N GLN A 293 -3.38 -3.22 -1.76
CA GLN A 293 -2.12 -3.60 -1.05
C GLN A 293 -1.29 -4.50 -1.95
N LEU A 294 -1.93 -5.29 -2.82
CA LEU A 294 -1.23 -6.22 -3.74
C LEU A 294 -0.80 -5.49 -5.02
N GLY A 295 -1.14 -4.21 -5.15
CA GLY A 295 -0.59 -3.30 -6.18
C GLY A 295 -1.26 -3.43 -7.53
N VAL A 296 -2.47 -4.00 -7.59
CA VAL A 296 -3.27 -4.08 -8.86
C VAL A 296 -4.26 -2.90 -8.88
N ILE A 297 -4.15 -1.98 -7.90
CA ILE A 297 -4.85 -0.67 -7.85
C ILE A 297 -3.84 0.43 -7.53
N SER B 3 -20.68 19.44 -13.13
CA SER B 3 -21.41 18.43 -13.96
C SER B 3 -22.21 19.13 -15.06
N MET B 4 -21.53 19.57 -16.12
CA MET B 4 -22.14 20.13 -17.35
C MET B 4 -22.66 18.98 -18.25
N THR B 5 -23.71 19.24 -19.02
CA THR B 5 -24.48 18.20 -19.77
C THR B 5 -23.73 17.85 -21.06
N ILE B 6 -24.11 16.73 -21.69
CA ILE B 6 -23.56 16.33 -23.02
C ILE B 6 -23.88 17.45 -24.03
N GLN B 7 -25.07 18.03 -23.95
CA GLN B 7 -25.49 19.13 -24.85
C GLN B 7 -24.57 20.34 -24.63
N ASP B 8 -24.27 20.71 -23.38
CA ASP B 8 -23.35 21.82 -23.03
C ASP B 8 -21.99 21.56 -23.69
N ILE B 9 -21.53 20.31 -23.67
CA ILE B 9 -20.19 19.91 -24.21
C ILE B 9 -20.21 19.92 -25.73
N GLN B 10 -21.30 19.47 -26.35
CA GLN B 10 -21.50 19.52 -27.82
C GLN B 10 -21.45 20.97 -28.30
N SER B 11 -22.08 21.89 -27.55
CA SER B 11 -22.16 23.35 -27.85
C SER B 11 -20.79 24.00 -27.69
N LEU B 12 -20.04 23.66 -26.64
CA LEU B 12 -18.67 24.17 -26.41
C LEU B 12 -17.78 23.77 -27.60
N ALA B 13 -17.81 22.49 -27.98
CA ALA B 13 -16.97 21.92 -29.07
C ALA B 13 -17.37 22.54 -30.42
N GLU B 14 -18.68 22.63 -30.69
CA GLU B 14 -19.22 23.24 -31.94
C GLU B 14 -18.72 24.70 -32.04
N ALA B 15 -18.68 25.42 -30.91
CA ALA B 15 -18.18 26.81 -30.81
C ALA B 15 -16.67 26.89 -31.12
N HIS B 16 -15.94 25.78 -31.08
CA HIS B 16 -14.49 25.69 -31.44
C HIS B 16 -14.33 24.91 -32.75
N GLY B 17 -15.39 24.78 -33.54
CA GLY B 17 -15.37 24.25 -34.92
C GLY B 17 -15.44 22.73 -34.98
N LEU B 18 -15.80 22.06 -33.89
CA LEU B 18 -15.73 20.58 -33.76
C LEU B 18 -17.16 20.05 -33.51
N LEU B 19 -17.68 19.27 -34.46
CA LEU B 19 -19.04 18.72 -34.38
C LEU B 19 -18.98 17.29 -33.83
N LEU B 20 -19.56 17.10 -32.64
CA LEU B 20 -19.51 15.84 -31.88
C LEU B 20 -20.89 15.18 -31.85
N THR B 21 -20.91 13.86 -32.01
CA THR B 21 -22.05 12.99 -31.63
C THR B 21 -22.33 13.17 -30.12
N ASP B 22 -23.44 12.59 -29.64
CA ASP B 22 -23.85 12.57 -28.21
C ASP B 22 -23.24 11.35 -27.50
N LYS B 23 -22.34 10.61 -28.17
CA LYS B 23 -21.60 9.44 -27.62
C LYS B 23 -20.33 9.94 -26.93
N MET B 24 -20.36 10.01 -25.60
CA MET B 24 -19.30 10.64 -24.77
C MET B 24 -19.13 9.85 -23.47
N ASN B 25 -17.87 9.51 -23.15
CA ASN B 25 -17.44 9.06 -21.81
C ASN B 25 -16.70 10.19 -21.09
N PHE B 26 -16.77 10.16 -19.77
CA PHE B 26 -16.12 11.13 -18.86
C PHE B 26 -15.11 10.38 -18.00
N ASN B 27 -13.98 11.03 -17.75
CA ASN B 27 -12.98 10.63 -16.73
C ASN B 27 -12.78 11.84 -15.83
N GLU B 28 -13.11 11.70 -14.54
CA GLU B 28 -13.19 12.82 -13.55
C GLU B 28 -12.03 12.72 -12.56
N MET B 29 -10.97 11.98 -12.87
CA MET B 29 -9.77 11.74 -12.00
C MET B 29 -8.88 12.99 -11.92
N GLY B 30 -8.84 13.80 -12.97
CA GLY B 30 -8.01 15.01 -13.02
C GLY B 30 -8.57 16.10 -12.13
N ILE B 31 -7.68 16.80 -11.41
CA ILE B 31 -8.01 17.91 -10.47
C ILE B 31 -8.20 19.20 -11.27
N ASP B 32 -7.50 19.35 -12.40
CA ASP B 32 -7.47 20.57 -13.23
C ASP B 32 -8.39 20.43 -14.45
N PHE B 33 -8.48 19.24 -15.04
CA PHE B 33 -9.23 19.02 -16.31
C PHE B 33 -10.26 17.90 -16.15
N LYS B 34 -11.52 18.21 -16.47
CA LYS B 34 -12.53 17.21 -16.88
C LYS B 34 -12.10 16.62 -18.22
N VAL B 35 -12.02 15.30 -18.32
CA VAL B 35 -11.61 14.60 -19.58
C VAL B 35 -12.85 13.99 -20.23
N VAL B 36 -13.00 14.18 -21.54
CA VAL B 36 -14.12 13.60 -22.35
C VAL B 36 -13.51 12.82 -23.52
N PHE B 37 -13.96 11.57 -23.71
CA PHE B 37 -13.73 10.78 -24.93
C PHE B 37 -14.97 10.98 -25.81
N ALA B 38 -14.79 11.65 -26.94
CA ALA B 38 -15.88 12.03 -27.86
C ALA B 38 -15.69 11.34 -29.21
N LEU B 39 -16.76 11.32 -30.01
CA LEU B 39 -16.79 10.81 -31.41
C LEU B 39 -17.36 11.91 -32.29
N ASP B 40 -16.60 12.39 -33.28
CA ASP B 40 -17.08 13.45 -34.20
C ASP B 40 -17.97 12.79 -35.26
N THR B 41 -18.55 13.60 -36.15
CA THR B 41 -19.63 13.15 -37.08
C THR B 41 -19.01 12.38 -38.26
N LYS B 42 -17.67 12.29 -38.35
CA LYS B 42 -16.93 11.51 -39.37
C LYS B 42 -16.38 10.21 -38.77
N GLY B 43 -16.70 9.90 -37.51
CA GLY B 43 -16.24 8.68 -36.82
C GLY B 43 -14.84 8.79 -36.23
N GLN B 44 -14.20 9.97 -36.28
CA GLN B 44 -12.89 10.22 -35.63
C GLN B 44 -13.11 10.32 -34.11
N GLN B 45 -12.30 9.61 -33.32
CA GLN B 45 -12.29 9.71 -31.84
C GLN B 45 -11.47 10.94 -31.41
N TRP B 46 -11.97 11.69 -30.43
CA TRP B 46 -11.31 12.90 -29.88
C TRP B 46 -11.13 12.78 -28.37
N LEU B 47 -10.05 13.35 -27.83
CA LEU B 47 -9.96 13.62 -26.38
C LEU B 47 -10.13 15.11 -26.12
N LEU B 48 -11.12 15.44 -25.31
CA LEU B 48 -11.39 16.81 -24.79
C LEU B 48 -10.80 16.90 -23.38
N ARG B 49 -10.11 18.00 -23.07
CA ARG B 49 -9.69 18.38 -21.69
C ARG B 49 -10.33 19.74 -21.40
N ILE B 50 -11.30 19.76 -20.49
CA ILE B 50 -12.09 20.97 -20.16
C ILE B 50 -11.61 21.49 -18.82
N PRO B 51 -10.98 22.69 -18.78
CA PRO B 51 -10.48 23.25 -17.52
C PRO B 51 -11.58 23.39 -16.48
N ARG B 52 -11.32 22.96 -15.24
CA ARG B 52 -12.30 22.97 -14.13
C ARG B 52 -12.46 24.40 -13.59
N ARG B 53 -11.42 25.23 -13.71
CA ARG B 53 -11.44 26.63 -13.20
C ARG B 53 -10.92 27.59 -14.27
N ASP B 54 -11.16 28.88 -14.07
CA ASP B 54 -10.69 29.99 -14.94
C ASP B 54 -9.22 30.26 -14.55
N GLY B 55 -8.46 30.88 -15.46
CA GLY B 55 -7.09 31.40 -15.23
C GLY B 55 -6.01 30.34 -15.38
N MET B 56 -6.23 29.32 -16.22
CA MET B 56 -5.31 28.16 -16.38
C MET B 56 -4.51 28.27 -17.70
N ARG B 57 -4.57 29.47 -18.32
CA ARG B 57 -4.00 29.78 -19.64
C ARG B 57 -2.51 29.46 -19.69
N GLU B 58 -1.76 29.87 -18.66
CA GLU B 58 -0.30 29.60 -18.54
C GLU B 58 -0.05 28.09 -18.55
N GLN B 59 -0.83 27.32 -17.80
CA GLN B 59 -0.71 25.84 -17.69
C GLN B 59 -0.93 25.18 -19.05
N ILE B 60 -1.89 25.69 -19.81
CA ILE B 60 -2.32 25.11 -21.12
C ILE B 60 -1.24 25.42 -22.17
N LYS B 61 -0.74 26.67 -22.18
CA LYS B 61 0.29 27.13 -23.14
C LYS B 61 1.62 26.44 -22.84
N LYS B 62 1.93 26.09 -21.58
CA LYS B 62 3.17 25.36 -21.24
C LYS B 62 3.10 23.96 -21.86
N GLU B 63 2.00 23.24 -21.64
CA GLU B 63 1.85 21.88 -22.24
C GLU B 63 1.94 22.00 -23.77
N LYS B 64 1.33 23.04 -24.34
CA LYS B 64 1.35 23.31 -25.80
C LYS B 64 2.81 23.42 -26.27
N ARG B 65 3.60 24.26 -25.61
CA ARG B 65 5.06 24.45 -25.86
C ARG B 65 5.79 23.10 -25.80
N ILE B 66 5.53 22.33 -24.76
CA ILE B 66 6.23 21.03 -24.54
C ILE B 66 5.93 20.12 -25.73
N LEU B 67 4.66 20.00 -26.13
CA LEU B 67 4.23 19.13 -27.28
C LEU B 67 4.94 19.59 -28.56
N GLU B 68 5.02 20.90 -28.82
CA GLU B 68 5.69 21.45 -30.02
C GLU B 68 7.17 21.05 -30.00
N LEU B 69 7.81 21.09 -28.84
CA LEU B 69 9.26 20.78 -28.65
C LEU B 69 9.51 19.30 -28.91
N VAL B 70 8.75 18.40 -28.27
CA VAL B 70 9.09 16.94 -28.29
C VAL B 70 8.76 16.38 -29.69
N LYS B 71 7.77 16.97 -30.37
CA LYS B 71 7.34 16.63 -31.75
C LYS B 71 8.54 16.63 -32.71
N LYS B 72 9.53 17.51 -32.51
CA LYS B 72 10.69 17.61 -33.44
C LYS B 72 11.76 16.57 -33.09
N HIS B 73 11.62 15.81 -32.00
CA HIS B 73 12.70 14.92 -31.49
C HIS B 73 12.24 13.47 -31.37
N LEU B 74 10.94 13.16 -31.31
CA LEU B 74 10.48 11.76 -31.04
C LEU B 74 10.02 11.11 -32.34
N SER B 75 10.26 9.79 -32.46
CA SER B 75 9.79 8.91 -33.55
C SER B 75 8.29 8.61 -33.40
N VAL B 76 7.76 8.68 -32.16
CA VAL B 76 6.37 8.24 -31.83
C VAL B 76 5.44 9.46 -31.88
N GLU B 77 4.15 9.21 -32.05
CA GLU B 77 3.09 10.24 -32.03
C GLU B 77 3.05 10.86 -30.63
N VAL B 78 2.70 12.15 -30.55
CA VAL B 78 2.20 12.78 -29.30
C VAL B 78 0.91 13.50 -29.64
N PRO B 79 0.07 13.90 -28.65
CA PRO B 79 -1.14 14.66 -28.93
C PRO B 79 -0.90 15.87 -29.85
N ASP B 80 -1.71 15.94 -30.90
CA ASP B 80 -1.81 17.08 -31.85
C ASP B 80 -2.98 17.97 -31.40
N TRP B 81 -2.68 18.99 -30.59
CA TRP B 81 -3.66 19.94 -30.01
C TRP B 81 -4.26 20.82 -31.12
N ARG B 82 -5.37 20.40 -31.72
CA ARG B 82 -6.00 21.15 -32.83
C ARG B 82 -6.89 22.26 -32.26
N ILE B 83 -7.34 22.13 -31.01
CA ILE B 83 -8.12 23.18 -30.28
C ILE B 83 -7.42 23.43 -28.95
N SER B 84 -7.27 24.69 -28.53
CA SER B 84 -6.38 25.08 -27.41
C SER B 84 -6.73 26.46 -26.82
N SER B 85 -7.96 26.67 -26.37
CA SER B 85 -8.40 27.93 -25.71
C SER B 85 -8.40 27.70 -24.19
N THR B 86 -8.77 28.72 -23.41
CA THR B 86 -8.94 28.62 -21.94
C THR B 86 -10.22 27.85 -21.61
N GLU B 87 -11.10 27.65 -22.58
CA GLU B 87 -12.43 26.98 -22.41
C GLU B 87 -12.37 25.51 -22.80
N LEU B 88 -11.45 25.11 -23.68
CA LEU B 88 -11.41 23.74 -24.24
C LEU B 88 -10.05 23.44 -24.88
N VAL B 89 -9.51 22.26 -24.59
CA VAL B 89 -8.37 21.63 -25.31
C VAL B 89 -8.89 20.31 -25.91
N ALA B 90 -8.56 20.02 -27.17
CA ALA B 90 -9.04 18.84 -27.91
C ALA B 90 -7.97 18.34 -28.89
N TYR B 91 -7.81 17.04 -28.98
CA TYR B 91 -6.89 16.42 -29.96
C TYR B 91 -7.51 15.10 -30.41
N PRO B 92 -7.29 14.71 -31.69
CA PRO B 92 -7.73 13.40 -32.17
C PRO B 92 -6.96 12.32 -31.42
N ILE B 93 -7.65 11.24 -31.05
CA ILE B 93 -7.07 10.05 -30.36
C ILE B 93 -6.03 9.48 -31.32
N LEU B 94 -4.93 8.99 -30.78
CA LEU B 94 -3.76 8.54 -31.56
C LEU B 94 -4.00 7.11 -32.02
N LYS B 95 -3.07 6.54 -32.80
CA LYS B 95 -3.23 5.24 -33.52
C LYS B 95 -3.59 4.12 -32.54
N ASP B 96 -2.94 4.05 -31.37
CA ASP B 96 -2.98 2.85 -30.50
C ASP B 96 -3.59 3.19 -29.14
N ASN B 97 -4.08 2.15 -28.46
CA ASN B 97 -4.63 2.17 -27.08
C ASN B 97 -3.49 2.33 -26.09
N PRO B 98 -3.74 2.95 -24.91
CA PRO B 98 -2.78 2.90 -23.80
C PRO B 98 -2.42 1.44 -23.49
N VAL B 99 -1.26 1.20 -22.87
CA VAL B 99 -0.76 -0.17 -22.53
C VAL B 99 -1.71 -0.79 -21.49
N LEU B 100 -2.23 0.02 -20.56
CA LEU B 100 -3.30 -0.38 -19.61
C LEU B 100 -4.33 0.75 -19.52
N ASN B 101 -5.51 0.43 -19.00
CA ASN B 101 -6.55 1.39 -18.53
C ASN B 101 -6.93 1.03 -17.09
N LEU B 102 -7.57 1.97 -16.39
CA LEU B 102 -8.01 1.82 -14.97
C LEU B 102 -9.54 1.79 -14.95
N ASP B 103 -10.12 0.77 -14.32
CA ASP B 103 -11.56 0.70 -13.95
C ASP B 103 -11.91 2.00 -13.20
N ALA B 104 -12.98 2.68 -13.63
CA ALA B 104 -13.42 4.00 -13.13
C ALA B 104 -13.66 3.94 -11.61
N GLU B 105 -14.42 2.93 -11.15
CA GLU B 105 -14.93 2.79 -9.76
C GLU B 105 -13.78 2.40 -8.82
N THR B 106 -13.26 1.17 -8.97
CA THR B 106 -12.02 0.68 -8.34
C THR B 106 -10.91 0.85 -9.36
N TYR B 107 -9.83 1.54 -9.03
CA TYR B 107 -8.78 1.96 -10.01
C TYR B 107 -7.97 0.72 -10.43
N GLU B 108 -8.64 -0.40 -10.70
CA GLU B 108 -8.00 -1.71 -10.99
C GLU B 108 -7.38 -1.64 -12.39
N ILE B 109 -6.21 -2.25 -12.53
CA ILE B 109 -5.41 -2.24 -13.78
C ILE B 109 -6.04 -3.23 -14.75
N ILE B 110 -6.37 -2.75 -15.95
CA ILE B 110 -6.86 -3.57 -17.09
C ILE B 110 -5.76 -3.52 -18.16
N TRP B 111 -5.06 -4.63 -18.37
CA TRP B 111 -3.96 -4.75 -19.36
C TRP B 111 -4.55 -4.87 -20.77
N ASN B 112 -4.16 -3.98 -21.68
CA ASN B 112 -4.53 -4.02 -23.12
C ASN B 112 -3.44 -4.74 -23.92
N MET B 113 -2.28 -4.94 -23.31
CA MET B 113 -1.05 -5.51 -23.92
C MET B 113 -0.65 -6.72 -23.09
N ASP B 114 0.09 -7.68 -23.65
CA ASP B 114 0.77 -8.72 -22.84
C ASP B 114 1.97 -8.06 -22.15
N LYS B 115 1.91 -7.88 -20.83
CA LYS B 115 2.92 -7.08 -20.08
C LYS B 115 4.32 -7.69 -20.32
N ASP B 116 4.41 -9.02 -20.48
CA ASP B 116 5.71 -9.75 -20.59
C ASP B 116 6.36 -9.51 -21.96
N SER B 117 5.68 -8.85 -22.90
CA SER B 117 6.18 -8.54 -24.26
C SER B 117 7.56 -7.89 -24.21
N PRO B 118 8.62 -8.52 -24.78
CA PRO B 118 9.92 -7.86 -24.89
C PRO B 118 10.01 -6.79 -26.00
N LYS B 119 9.01 -6.68 -26.88
CA LYS B 119 8.96 -5.58 -27.88
C LYS B 119 8.63 -4.26 -27.15
N TYR B 120 7.88 -4.32 -26.05
CA TYR B 120 7.64 -3.14 -25.16
C TYR B 120 8.97 -2.63 -24.61
N ILE B 121 9.87 -3.53 -24.22
CA ILE B 121 11.16 -3.18 -23.56
C ILE B 121 12.07 -2.50 -24.60
N THR B 122 12.17 -3.07 -25.81
CA THR B 122 13.07 -2.59 -26.89
C THR B 122 12.53 -1.25 -27.42
N SER B 123 11.22 -1.11 -27.62
CA SER B 123 10.60 0.14 -28.14
C SER B 123 10.56 1.22 -27.04
N LEU B 124 10.27 0.87 -25.78
CA LEU B 124 10.24 1.89 -24.69
C LEU B 124 11.65 2.46 -24.51
N ALA B 125 12.69 1.64 -24.66
CA ALA B 125 14.11 2.02 -24.47
C ALA B 125 14.50 3.04 -25.53
N LYS B 126 14.00 2.87 -26.75
CA LYS B 126 14.22 3.78 -27.90
C LYS B 126 13.56 5.13 -27.60
N THR B 127 12.31 5.13 -27.14
CA THR B 127 11.54 6.34 -26.75
C THR B 127 12.25 7.06 -25.60
N LEU B 128 12.66 6.34 -24.56
CA LEU B 128 13.38 6.90 -23.40
C LEU B 128 14.64 7.60 -23.90
N PHE B 129 15.36 6.97 -24.84
CA PHE B 129 16.63 7.50 -25.43
C PHE B 129 16.36 8.84 -26.12
N GLU B 130 15.30 8.92 -26.94
CA GLU B 130 14.97 10.12 -27.76
C GLU B 130 14.53 11.26 -26.84
N ILE B 131 13.71 10.99 -25.82
CA ILE B 131 13.22 12.02 -24.86
C ILE B 131 14.44 12.58 -24.12
N HIS B 132 15.31 11.70 -23.64
CA HIS B 132 16.45 12.06 -22.76
C HIS B 132 17.55 12.77 -23.56
N SER B 133 17.49 12.69 -24.90
CA SER B 133 18.46 13.30 -25.84
C SER B 133 18.10 14.76 -26.12
N ILE B 134 16.91 15.22 -25.76
CA ILE B 134 16.42 16.57 -26.15
C ILE B 134 17.33 17.61 -25.53
N PRO B 135 17.98 18.47 -26.35
CA PRO B 135 19.03 19.36 -25.85
C PRO B 135 18.52 20.45 -24.89
N GLU B 136 19.32 20.72 -23.86
CA GLU B 136 19.03 21.70 -22.78
C GLU B 136 18.74 23.09 -23.39
N LYS B 137 19.55 23.55 -24.35
CA LYS B 137 19.32 24.84 -25.08
C LYS B 137 17.84 25.00 -25.45
N GLU B 138 17.26 23.99 -26.11
CA GLU B 138 15.86 24.03 -26.59
C GLU B 138 14.91 24.10 -25.38
N VAL B 139 15.23 23.35 -24.32
CA VAL B 139 14.40 23.32 -23.07
C VAL B 139 14.38 24.73 -22.46
N ARG B 140 15.54 25.39 -22.36
CA ARG B 140 15.69 26.77 -21.82
C ARG B 140 14.89 27.75 -22.67
N GLU B 141 14.91 27.59 -24.00
CA GLU B 141 14.16 28.45 -24.95
C GLU B 141 12.65 28.39 -24.66
N ASN B 142 12.16 27.30 -24.05
CA ASN B 142 10.71 27.08 -23.79
C ASN B 142 10.34 27.40 -22.33
N ASP B 143 11.22 28.05 -21.58
CA ASP B 143 10.99 28.44 -20.16
C ASP B 143 10.38 27.27 -19.38
N LEU B 144 11.09 26.14 -19.30
CA LEU B 144 10.66 24.93 -18.55
C LEU B 144 11.52 24.78 -17.28
N LYS B 145 11.02 24.07 -16.27
CA LYS B 145 11.74 23.80 -14.99
C LYS B 145 13.01 23.00 -15.32
N ILE B 146 14.13 23.38 -14.70
CA ILE B 146 15.44 22.68 -14.86
C ILE B 146 15.97 22.38 -13.46
N MET B 147 16.15 21.09 -13.14
CA MET B 147 16.78 20.61 -11.89
C MET B 147 18.13 19.99 -12.22
N LYS B 148 19.17 20.35 -11.46
CA LYS B 148 20.56 19.89 -11.65
C LYS B 148 20.89 18.91 -10.52
N PRO B 149 21.94 18.08 -10.68
CA PRO B 149 22.27 17.07 -9.67
C PRO B 149 22.25 17.57 -8.22
N SER B 150 22.80 18.76 -7.93
CA SER B 150 22.98 19.31 -6.57
C SER B 150 21.66 19.84 -6.01
N ASP B 151 20.62 20.00 -6.85
CA ASP B 151 19.30 20.52 -6.42
C ASP B 151 18.44 19.40 -5.83
N LEU B 152 18.73 18.13 -6.16
CA LEU B 152 17.75 17.02 -6.03
C LEU B 152 17.54 16.69 -4.54
N ARG B 153 18.63 16.46 -3.79
CA ARG B 153 18.54 15.98 -2.39
C ARG B 153 17.98 17.08 -1.49
N PRO B 154 18.43 18.34 -1.56
CA PRO B 154 17.77 19.42 -0.80
C PRO B 154 16.25 19.43 -0.99
N GLU B 155 15.79 19.40 -2.25
CA GLU B 155 14.35 19.43 -2.62
C GLU B 155 13.62 18.27 -1.92
N ILE B 156 14.11 17.05 -2.07
CA ILE B 156 13.43 15.84 -1.51
C ILE B 156 13.47 15.90 0.03
N ALA B 157 14.56 16.40 0.63
CA ALA B 157 14.67 16.62 2.10
C ALA B 157 13.50 17.51 2.54
N ASN B 158 13.29 18.62 1.85
CA ASN B 158 12.18 19.57 2.15
CA ASN B 158 12.18 19.59 2.09
C ASN B 158 10.84 18.86 1.96
N ASN B 159 10.70 18.00 0.94
CA ASN B 159 9.43 17.27 0.66
C ASN B 159 9.14 16.34 1.84
N LEU B 160 10.15 15.56 2.26
CA LEU B 160 10.05 14.60 3.40
C LEU B 160 9.59 15.33 4.67
N GLN B 161 10.26 16.42 5.04
CA GLN B 161 9.97 17.14 6.32
CA GLN B 161 9.99 17.19 6.29
C GLN B 161 8.56 17.71 6.24
N LEU B 162 8.16 18.23 5.08
CA LEU B 162 6.80 18.82 4.88
C LEU B 162 5.74 17.72 5.01
N VAL B 163 5.93 16.58 4.32
CA VAL B 163 4.95 15.46 4.32
C VAL B 163 4.86 14.85 5.72
N LYS B 164 5.99 14.69 6.41
CA LYS B 164 6.02 14.14 7.78
C LYS B 164 5.21 15.05 8.72
N SER B 165 5.34 16.37 8.55
CA SER B 165 4.70 17.41 9.38
C SER B 165 3.18 17.37 9.19
N GLU B 166 2.71 17.38 7.93
CA GLU B 166 1.29 17.66 7.58
C GLU B 166 0.48 16.35 7.46
N ILE B 167 1.07 15.27 6.93
CA ILE B 167 0.34 14.01 6.61
C ILE B 167 0.78 12.89 7.55
N GLY B 168 2.07 12.84 7.91
CA GLY B 168 2.68 11.74 8.68
C GLY B 168 3.26 10.66 7.78
N ILE B 169 4.11 9.79 8.33
CA ILE B 169 4.77 8.69 7.58
C ILE B 169 5.25 7.61 8.56
N SER B 170 5.09 6.34 8.18
CA SER B 170 5.55 5.17 8.96
C SER B 170 7.06 5.25 9.22
N GLU B 171 7.50 4.64 10.31
CA GLU B 171 8.93 4.60 10.71
C GLU B 171 9.73 3.90 9.60
N GLN B 172 9.17 2.85 9.01
CA GLN B 172 9.89 2.02 8.00
C GLN B 172 10.08 2.84 6.71
N LEU B 173 9.04 3.54 6.26
CA LEU B 173 9.11 4.38 5.03
C LEU B 173 10.05 5.56 5.26
N GLU B 174 9.98 6.20 6.43
CA GLU B 174 10.79 7.42 6.75
C GLU B 174 12.28 7.06 6.73
N THR B 175 12.67 5.94 7.36
CA THR B 175 14.09 5.53 7.46
C THR B 175 14.61 5.11 6.07
N ARG B 176 13.78 4.46 5.25
CA ARG B 176 14.16 4.10 3.87
C ARG B 176 14.50 5.37 3.08
N TYR B 177 13.71 6.44 3.24
CA TYR B 177 13.88 7.71 2.50
C TYR B 177 15.12 8.43 3.00
N ARG B 178 15.38 8.39 4.32
CA ARG B 178 16.56 9.02 4.95
C ARG B 178 17.84 8.31 4.47
N LYS B 179 17.84 6.97 4.47
CA LYS B 179 18.97 6.15 3.94
C LYS B 179 19.21 6.51 2.48
N TRP B 180 18.15 6.54 1.66
CA TRP B 180 18.19 6.93 0.22
C TRP B 180 18.88 8.30 0.09
N LEU B 181 18.47 9.30 0.88
CA LEU B 181 18.98 10.69 0.78
C LEU B 181 20.48 10.75 1.12
N ASP B 182 20.98 9.88 2.00
CA ASP B 182 22.37 9.89 2.52
C ASP B 182 23.26 9.01 1.64
N ASN B 183 22.66 8.19 0.77
CA ASN B 183 23.37 7.22 -0.09
C ASN B 183 23.84 7.94 -1.37
N ASP B 184 24.91 8.73 -1.25
CA ASP B 184 25.49 9.60 -2.32
C ASP B 184 25.59 8.87 -3.66
N VAL B 185 26.14 7.66 -3.66
CA VAL B 185 26.57 6.93 -4.88
C VAL B 185 25.35 6.65 -5.79
N LEU B 186 24.12 6.68 -5.26
CA LEU B 186 22.87 6.42 -6.03
C LEU B 186 22.55 7.60 -6.98
N TRP B 187 22.92 8.82 -6.57
CA TRP B 187 22.48 10.07 -7.23
C TRP B 187 23.42 10.42 -8.39
N ALA B 188 22.90 10.42 -9.61
CA ALA B 188 23.66 10.73 -10.85
C ALA B 188 24.29 12.13 -10.73
N ASP B 189 25.41 12.35 -11.42
CA ASP B 189 26.11 13.66 -11.50
C ASP B 189 25.69 14.42 -12.78
N PHE B 190 24.59 14.02 -13.40
CA PHE B 190 23.94 14.71 -14.56
C PHE B 190 22.43 14.54 -14.48
N THR B 191 21.66 15.51 -15.01
CA THR B 191 20.19 15.41 -15.24
C THR B 191 19.92 15.54 -16.74
N GLN B 192 18.71 15.18 -17.19
CA GLN B 192 18.30 15.20 -18.61
C GLN B 192 16.82 15.57 -18.72
N PHE B 193 16.38 15.96 -19.90
CA PHE B 193 14.96 16.17 -20.22
C PHE B 193 14.21 14.85 -20.03
N ILE B 194 13.16 14.86 -19.21
CA ILE B 194 12.30 13.68 -18.90
C ILE B 194 10.83 14.04 -19.17
N HIS B 195 10.03 13.02 -19.47
CA HIS B 195 8.55 13.09 -19.53
C HIS B 195 8.02 13.57 -18.17
N GLY B 196 8.48 12.94 -17.09
CA GLY B 196 8.17 13.34 -15.70
C GLY B 196 7.03 12.54 -15.07
N ASP B 197 6.31 11.74 -15.86
CA ASP B 197 5.22 10.85 -15.35
C ASP B 197 5.04 9.69 -16.34
N LEU B 198 6.14 9.02 -16.70
CA LEU B 198 6.14 7.99 -17.75
C LEU B 198 5.91 6.62 -17.13
N TYR B 199 4.70 6.12 -17.32
CA TYR B 199 4.26 4.76 -16.93
C TYR B 199 3.27 4.29 -18.01
N ALA B 200 2.94 2.99 -17.99
CA ALA B 200 2.17 2.29 -19.05
C ALA B 200 0.85 3.02 -19.34
N GLY B 201 0.28 3.73 -18.37
CA GLY B 201 -1.00 4.46 -18.55
C GLY B 201 -0.86 5.59 -19.57
N HIS B 202 0.36 6.06 -19.81
CA HIS B 202 0.65 7.23 -20.68
C HIS B 202 1.36 6.78 -21.95
N VAL B 203 1.54 5.48 -22.15
CA VAL B 203 2.28 4.90 -23.30
C VAL B 203 1.28 4.21 -24.23
N LEU B 204 1.26 4.58 -25.51
CA LEU B 204 0.39 3.92 -26.52
C LEU B 204 1.23 2.86 -27.25
N ALA B 205 0.70 1.64 -27.39
CA ALA B 205 1.42 0.52 -28.05
C ALA B 205 0.43 -0.39 -28.77
N SER B 206 0.89 -1.04 -29.86
CA SER B 206 0.15 -2.13 -30.56
C SER B 206 0.09 -3.33 -29.62
N LYS B 207 -0.76 -4.31 -29.97
CA LYS B 207 -1.02 -5.57 -29.22
C LYS B 207 0.31 -6.29 -28.92
N ASP B 208 1.22 -6.28 -29.90
CA ASP B 208 2.54 -6.98 -29.86
C ASP B 208 3.50 -6.26 -28.89
N GLY B 209 3.20 -5.01 -28.50
CA GLY B 209 3.99 -4.24 -27.51
C GLY B 209 4.87 -3.17 -28.15
N ALA B 210 4.74 -2.92 -29.46
CA ALA B 210 5.49 -1.84 -30.16
C ALA B 210 4.90 -0.48 -29.77
N VAL B 211 5.68 0.30 -29.02
CA VAL B 211 5.31 1.67 -28.55
C VAL B 211 5.19 2.58 -29.78
N SER B 212 4.04 3.23 -29.95
CA SER B 212 3.72 4.11 -31.11
C SER B 212 3.38 5.53 -30.67
N GLY B 213 3.15 5.77 -29.36
CA GLY B 213 2.78 7.11 -28.89
C GLY B 213 3.01 7.28 -27.40
N VAL B 214 3.11 8.53 -26.95
CA VAL B 214 3.20 8.91 -25.50
C VAL B 214 2.32 10.14 -25.28
N ILE B 215 1.50 10.12 -24.22
CA ILE B 215 0.51 11.20 -23.92
C ILE B 215 0.85 11.85 -22.57
N ASP B 216 0.14 12.92 -22.20
CA ASP B 216 0.14 13.55 -20.85
C ASP B 216 1.54 14.14 -20.56
N TRP B 217 1.88 15.23 -21.24
CA TRP B 217 3.24 15.83 -21.27
C TRP B 217 3.36 17.05 -20.35
N SER B 218 2.36 17.36 -19.51
CA SER B 218 2.28 18.59 -18.66
C SER B 218 3.42 18.67 -17.64
N THR B 219 4.07 17.53 -17.37
CA THR B 219 5.02 17.31 -16.25
C THR B 219 6.47 17.31 -16.77
N ALA B 220 6.69 17.49 -18.09
CA ALA B 220 8.01 17.34 -18.75
C ALA B 220 8.94 18.46 -18.32
N HIS B 221 10.17 18.12 -17.91
CA HIS B 221 11.20 19.08 -17.44
C HIS B 221 12.55 18.36 -17.33
N ILE B 222 13.61 19.08 -16.96
CA ILE B 222 14.97 18.47 -16.83
C ILE B 222 15.16 18.05 -15.38
N ASP B 223 15.55 16.79 -15.15
CA ASP B 223 15.55 16.18 -13.80
C ASP B 223 16.24 14.82 -13.85
N ASP B 224 16.24 14.15 -12.69
CA ASP B 224 16.78 12.78 -12.48
C ASP B 224 16.18 11.87 -13.53
N PRO B 225 17.00 11.32 -14.46
CA PRO B 225 16.50 10.41 -15.48
C PRO B 225 15.81 9.17 -14.88
N ALA B 226 16.17 8.77 -13.66
CA ALA B 226 15.60 7.62 -12.92
C ALA B 226 14.09 7.79 -12.74
N ILE B 227 13.59 9.04 -12.72
CA ILE B 227 12.12 9.32 -12.60
C ILE B 227 11.37 8.68 -13.78
N ASP B 228 11.97 8.64 -14.97
CA ASP B 228 11.32 8.08 -16.19
C ASP B 228 11.40 6.56 -16.21
N PHE B 229 12.20 5.93 -15.34
CA PHE B 229 12.28 4.45 -15.20
C PHE B 229 11.38 3.94 -14.05
N ALA B 230 11.09 4.78 -13.06
CA ALA B 230 10.42 4.42 -11.78
C ALA B 230 9.07 3.75 -12.04
N GLY B 231 8.28 4.28 -12.99
CA GLY B 231 6.92 3.80 -13.27
C GLY B 231 6.90 2.40 -13.89
N HIS B 232 8.04 1.95 -14.44
CA HIS B 232 8.19 0.61 -15.04
C HIS B 232 8.22 -0.48 -13.96
N VAL B 233 8.78 -0.19 -12.78
CA VAL B 233 9.26 -1.25 -11.85
C VAL B 233 8.08 -1.92 -11.11
N THR B 234 7.10 -1.17 -10.63
CA THR B 234 5.94 -1.76 -9.91
C THR B 234 5.16 -2.72 -10.83
N LEU B 235 4.89 -2.30 -12.07
CA LEU B 235 3.96 -2.95 -13.03
C LEU B 235 4.65 -4.11 -13.78
N PHE B 236 5.95 -3.98 -14.04
CA PHE B 236 6.71 -4.91 -14.91
C PHE B 236 7.75 -5.70 -14.10
N GLY B 237 8.13 -5.23 -12.92
CA GLY B 237 9.09 -5.93 -12.04
C GLY B 237 10.52 -5.50 -12.28
N GLU B 238 11.42 -6.00 -11.44
CA GLU B 238 12.85 -5.62 -11.36
C GLU B 238 13.64 -6.28 -12.50
N GLU B 239 13.33 -7.53 -12.83
CA GLU B 239 13.99 -8.25 -13.96
C GLU B 239 13.79 -7.41 -15.24
N SER B 240 12.55 -6.97 -15.48
CA SER B 240 12.16 -6.20 -16.68
C SER B 240 12.89 -4.86 -16.69
N LEU B 241 12.97 -4.18 -15.54
CA LEU B 241 13.76 -2.94 -15.37
C LEU B 241 15.22 -3.17 -15.78
N LYS B 242 15.84 -4.25 -15.31
CA LYS B 242 17.24 -4.59 -15.69
C LYS B 242 17.35 -4.66 -17.22
N THR B 243 16.46 -5.41 -17.87
CA THR B 243 16.46 -5.62 -19.35
C THR B 243 16.31 -4.27 -20.06
N LEU B 244 15.51 -3.36 -19.49
CA LEU B 244 15.20 -2.02 -20.06
C LEU B 244 16.45 -1.15 -20.02
N ILE B 245 17.13 -1.10 -18.88
CA ILE B 245 18.36 -0.28 -18.67
C ILE B 245 19.43 -0.75 -19.65
N ILE B 246 19.61 -2.07 -19.79
CA ILE B 246 20.58 -2.71 -20.73
C ILE B 246 20.25 -2.29 -22.17
N GLU B 247 18.98 -2.43 -22.56
CA GLU B 247 18.50 -2.07 -23.92
C GLU B 247 18.73 -0.57 -24.16
N TYR B 248 18.42 0.25 -23.15
CA TYR B 248 18.58 1.73 -23.18
C TYR B 248 20.05 2.05 -23.40
N GLU B 249 20.93 1.37 -22.66
CA GLU B 249 22.40 1.60 -22.73
C GLU B 249 22.92 1.26 -24.12
N LYS B 250 22.50 0.11 -24.68
CA LYS B 250 22.92 -0.36 -26.03
C LYS B 250 22.67 0.74 -27.05
N LEU B 251 21.57 1.52 -26.91
CA LEU B 251 21.20 2.59 -27.86
C LEU B 251 22.13 3.80 -27.68
N GLY B 252 22.94 3.84 -26.62
CA GLY B 252 23.76 5.01 -26.23
C GLY B 252 23.05 5.88 -25.21
N GLY B 253 22.06 5.33 -24.50
CA GLY B 253 21.47 5.99 -23.32
C GLY B 253 22.53 6.22 -22.26
N LYS B 254 22.61 7.45 -21.73
CA LYS B 254 23.60 7.81 -20.68
C LYS B 254 23.11 7.20 -19.36
N VAL B 255 23.86 6.24 -18.82
CA VAL B 255 23.54 5.57 -17.52
C VAL B 255 24.64 5.91 -16.51
N TRP B 256 24.46 5.46 -15.27
CA TRP B 256 25.54 5.32 -14.25
C TRP B 256 25.31 3.98 -13.54
N ASN B 257 26.29 3.57 -12.72
CA ASN B 257 26.36 2.22 -12.10
C ASN B 257 25.12 1.96 -11.23
N LYS B 258 24.52 3.01 -10.67
CA LYS B 258 23.42 2.91 -9.65
C LYS B 258 22.06 3.35 -10.22
N LEU B 259 21.92 3.46 -11.55
CA LEU B 259 20.62 3.83 -12.18
C LEU B 259 19.52 2.88 -11.68
N TYR B 260 19.82 1.59 -11.74
CA TYR B 260 18.92 0.50 -11.27
C TYR B 260 18.47 0.80 -9.83
N GLU B 261 19.43 0.98 -8.94
CA GLU B 261 19.23 1.22 -7.48
CA GLU B 261 19.15 1.17 -7.49
C GLU B 261 18.37 2.48 -7.28
N GLN B 262 18.78 3.60 -7.91
CA GLN B 262 18.06 4.91 -7.84
C GLN B 262 16.60 4.73 -8.29
N THR B 263 16.37 4.02 -9.40
CA THR B 263 15.00 3.74 -9.92
C THR B 263 14.16 3.07 -8.83
N LEU B 264 14.68 2.05 -8.14
CA LEU B 264 13.90 1.31 -7.12
C LEU B 264 13.57 2.26 -5.95
N GLU B 265 14.49 3.13 -5.56
CA GLU B 265 14.24 4.12 -4.49
C GLU B 265 13.17 5.10 -4.96
N ARG B 266 13.29 5.62 -6.18
CA ARG B 266 12.30 6.55 -6.80
C ARG B 266 10.90 5.92 -6.74
N ALA B 267 10.76 4.66 -7.18
CA ALA B 267 9.48 3.94 -7.15
C ALA B 267 8.99 3.81 -5.70
N ALA B 268 9.86 3.41 -4.78
CA ALA B 268 9.50 3.26 -3.35
C ALA B 268 9.10 4.61 -2.74
N ALA B 269 9.38 5.72 -3.44
CA ALA B 269 9.10 7.10 -2.99
C ALA B 269 7.78 7.63 -3.55
N SER B 270 7.02 6.85 -4.35
CA SER B 270 5.68 7.24 -4.87
C SER B 270 4.82 7.81 -3.75
N PRO B 271 4.70 7.13 -2.58
CA PRO B 271 3.86 7.63 -1.49
C PRO B 271 4.23 9.04 -1.04
N LEU B 272 5.53 9.36 -1.05
CA LEU B 272 6.03 10.70 -0.67
C LEU B 272 5.59 11.73 -1.73
N MET B 273 5.76 11.40 -3.02
CA MET B 273 5.44 12.30 -4.15
C MET B 273 3.93 12.54 -4.18
N TYR B 274 3.12 11.53 -3.84
CA TYR B 274 1.64 11.62 -3.73
C TYR B 274 1.26 12.46 -2.51
N GLY B 275 1.96 12.26 -1.39
CA GLY B 275 1.91 13.16 -0.22
C GLY B 275 2.00 14.62 -0.64
N LEU B 276 3.04 14.98 -1.40
CA LEU B 276 3.27 16.35 -1.93
C LEU B 276 2.04 16.82 -2.72
N PHE B 277 1.66 16.09 -3.75
CA PHE B 277 0.51 16.38 -4.63
C PHE B 277 -0.74 16.65 -3.78
N ALA B 278 -1.16 15.64 -3.01
CA ALA B 278 -2.35 15.65 -2.14
C ALA B 278 -2.33 16.85 -1.18
N LEU B 279 -1.14 17.32 -0.84
CA LEU B 279 -0.91 18.38 0.16
C LEU B 279 -1.08 19.76 -0.50
N GLU B 280 -0.57 19.95 -1.72
CA GLU B 280 -0.75 21.19 -2.52
C GLU B 280 -2.25 21.41 -2.79
N THR B 281 -2.93 20.40 -3.35
CA THR B 281 -4.37 20.47 -3.73
C THR B 281 -5.23 20.89 -2.55
N GLN B 282 -4.97 20.35 -1.35
CA GLN B 282 -5.69 20.66 -0.07
C GLN B 282 -6.96 19.80 0.03
N ASN B 283 -7.24 18.96 -0.97
CA ASN B 283 -8.40 18.04 -0.97
C ASN B 283 -8.23 17.03 0.17
N GLU B 284 -9.18 16.98 1.11
CA GLU B 284 -9.12 16.12 2.32
C GLU B 284 -9.19 14.64 1.90
N SER B 285 -10.01 14.32 0.89
CA SER B 285 -10.19 12.95 0.32
C SER B 285 -8.83 12.41 -0.15
N LEU B 286 -8.02 13.27 -0.78
CA LEU B 286 -6.67 12.94 -1.33
C LEU B 286 -5.67 12.72 -0.18
N ILE B 287 -5.70 13.60 0.84
CA ILE B 287 -4.81 13.52 2.04
C ILE B 287 -4.99 12.16 2.73
N VAL B 288 -6.23 11.67 2.82
CA VAL B 288 -6.58 10.38 3.50
C VAL B 288 -5.97 9.22 2.70
N GLY B 289 -6.09 9.27 1.35
CA GLY B 289 -5.45 8.29 0.45
C GLY B 289 -3.94 8.27 0.60
N ALA B 290 -3.34 9.45 0.83
CA ALA B 290 -1.87 9.63 1.03
C ALA B 290 -1.43 8.92 2.32
N LYS B 291 -2.05 9.27 3.45
CA LYS B 291 -1.82 8.62 4.78
C LYS B 291 -1.72 7.10 4.62
N ALA B 292 -2.64 6.49 3.87
CA ALA B 292 -2.75 5.03 3.66
C ALA B 292 -1.49 4.49 2.97
N GLN B 293 -1.05 5.16 1.90
CA GLN B 293 0.17 4.76 1.15
C GLN B 293 1.41 5.07 1.98
N LEU B 294 1.36 6.10 2.84
CA LEU B 294 2.49 6.49 3.73
C LEU B 294 2.50 5.64 5.02
N GLY B 295 1.52 4.76 5.21
CA GLY B 295 1.50 3.75 6.28
C GLY B 295 1.11 4.29 7.65
N VAL B 296 0.45 5.46 7.70
CA VAL B 296 -0.18 6.05 8.92
C VAL B 296 -1.57 5.40 9.11
N ILE B 297 -2.04 4.64 8.12
CA ILE B 297 -3.36 3.93 8.09
C ILE B 297 -3.11 2.47 7.72
#